data_9G6A
#
_entry.id   9G6A
#
_cell.length_a   74.37
_cell.length_b   74.37
_cell.length_c   336.42
_cell.angle_alpha   90.00
_cell.angle_beta   90.00
_cell.angle_gamma   120.00
#
_symmetry.space_group_name_H-M   'P 61 2 2'
#
loop_
_entity.id
_entity.type
_entity.pdbx_description
1 polymer 'Cathepsin K'
2 non-polymer (2~{S})-4-methyl-~{N}-(2-oxidanylidenepropyl)-2-[[(1~{S})-2,2,2-tris(fluoranyl)-1-[4-(4-methylsulfonylphenyl)phenyl]ethyl]amino]pentanamide
3 non-polymer 'TRIETHYLENE GLYCOL'
4 non-polymer 'CALCIUM ION'
5 water water
#
_entity_poly.entity_id   1
_entity_poly.type   'polypeptide(L)'
_entity_poly.pdbx_seq_one_letter_code
;AAPDSVDYRKKGYVTPVKNQGQCGSCWAFSSVGALEGQLKKKTGKLLNLSPQNLVDCVSENDGCGGGYMTNAFQYVQKNR
GIDSEDAYPYVGQEESCMYNPTGKAAKCRGYREIPEGNEKALKRAVARVGPVSVAIDASLTSFQFYSKGVYYDESCNSDN
LNHAVLAVGYGIQKGNKHWIIKNSWGENWGNKGYILMARNKNNACGIANLASFPKM
;
_entity_poly.pdbx_strand_id   A,B
#
# COMPACT_ATOMS: atom_id res chain seq x y z
N ALA A 2 -19.00 -5.01 25.38
CA ALA A 2 -19.50 -4.41 24.13
C ALA A 2 -21.03 -4.31 24.09
N PRO A 3 -21.61 -3.12 23.84
CA PRO A 3 -23.07 -2.96 23.78
C PRO A 3 -23.73 -3.74 22.63
N ASP A 4 -25.05 -4.02 22.74
CA ASP A 4 -25.74 -4.78 21.69
C ASP A 4 -26.01 -3.95 20.45
N SER A 5 -25.94 -2.63 20.61
CA SER A 5 -26.09 -1.68 19.52
C SER A 5 -25.35 -0.35 19.82
N VAL A 6 -24.78 0.28 18.78
CA VAL A 6 -24.13 1.54 18.94
C VAL A 6 -24.29 2.37 17.66
N ASP A 7 -24.31 3.67 17.81
CA ASP A 7 -24.47 4.54 16.64
C ASP A 7 -23.79 5.85 16.91
N TYR A 8 -22.60 5.98 16.34
CA TYR A 8 -21.81 7.17 16.51
C TYR A 8 -22.43 8.42 15.93
N ARG A 9 -23.38 8.29 15.00
CA ARG A 9 -23.98 9.53 14.52
C ARG A 9 -24.72 10.26 15.63
N LYS A 10 -25.34 9.50 16.56
CA LYS A 10 -26.03 10.12 17.68
C LYS A 10 -25.10 10.86 18.61
N LYS A 11 -23.86 10.37 18.74
CA LYS A 11 -22.92 11.03 19.61
C LYS A 11 -22.21 12.22 18.97
N GLY A 12 -22.41 12.43 17.65
CA GLY A 12 -21.71 13.56 17.01
C GLY A 12 -20.30 13.27 16.52
N TYR A 13 -20.00 11.99 16.25
CA TYR A 13 -18.68 11.57 15.75
C TYR A 13 -18.64 11.41 14.23
N VAL A 14 -19.79 11.69 13.55
CA VAL A 14 -19.83 11.46 12.10
C VAL A 14 -20.23 12.71 11.35
N THR A 15 -19.45 13.13 10.36
CA THR A 15 -19.72 14.29 9.49
C THR A 15 -20.78 13.94 8.44
N PRO A 16 -21.31 14.94 7.73
CA PRO A 16 -22.33 14.69 6.71
C PRO A 16 -21.81 13.78 5.57
N VAL A 17 -22.75 13.12 4.94
CA VAL A 17 -22.47 12.23 3.83
C VAL A 17 -21.90 13.02 2.68
N LYS A 18 -20.86 12.40 2.05
CA LYS A 18 -20.16 13.05 0.95
C LYS A 18 -20.43 12.35 -0.36
N ASN A 19 -20.07 12.96 -1.49
CA ASN A 19 -20.24 12.32 -2.77
C ASN A 19 -18.89 12.35 -3.47
N GLN A 20 -18.28 11.18 -3.62
CA GLN A 20 -16.97 11.06 -4.27
C GLN A 20 -17.00 11.40 -5.77
N GLY A 21 -18.19 11.36 -6.38
CA GLY A 21 -18.24 11.61 -7.81
C GLY A 21 -17.68 10.41 -8.57
N GLN A 22 -17.19 10.64 -9.81
CA GLN A 22 -16.67 9.57 -10.66
C GLN A 22 -15.34 8.98 -10.22
N CYS A 23 -14.64 9.70 -9.37
CA CYS A 23 -13.31 9.32 -8.89
C CYS A 23 -13.27 8.08 -8.01
N GLY A 24 -12.25 7.20 -8.19
CA GLY A 24 -12.13 5.99 -7.39
C GLY A 24 -11.48 6.35 -6.07
N SER A 25 -12.07 7.30 -5.35
CA SER A 25 -11.51 7.78 -4.10
C SER A 25 -12.25 7.31 -2.86
N CYS A 26 -13.03 6.23 -2.96
CA CYS A 26 -13.77 5.81 -1.77
C CYS A 26 -12.85 5.54 -0.60
N TRP A 27 -11.62 5.07 -0.89
CA TRP A 27 -10.66 4.77 0.18
C TRP A 27 -10.27 6.00 0.94
N ALA A 28 -10.26 7.20 0.25
CA ALA A 28 -9.92 8.45 0.90
C ALA A 28 -11.08 8.93 1.76
N PHE A 29 -12.34 8.71 1.26
CA PHE A 29 -13.47 9.13 2.07
C PHE A 29 -13.57 8.21 3.33
N SER A 30 -13.31 6.90 3.15
CA SER A 30 -13.34 5.93 4.27
C SER A 30 -12.28 6.29 5.34
N SER A 31 -11.03 6.60 4.88
CA SER A 31 -9.95 6.96 5.79
C SER A 31 -10.26 8.22 6.58
N VAL A 32 -10.77 9.24 5.88
CA VAL A 32 -11.10 10.52 6.50
C VAL A 32 -12.23 10.29 7.51
N GLY A 33 -13.17 9.44 7.20
CA GLY A 33 -14.27 9.26 8.13
C GLY A 33 -13.80 8.63 9.44
N ALA A 34 -12.84 7.70 9.33
CA ALA A 34 -12.31 7.09 10.55
C ALA A 34 -11.45 8.13 11.31
N LEU A 35 -10.65 8.94 10.57
CA LEU A 35 -9.85 9.97 11.24
C LEU A 35 -10.69 11.04 11.91
N GLU A 36 -11.81 11.37 11.25
CA GLU A 36 -12.76 12.34 11.82
C GLU A 36 -13.33 11.86 13.15
N GLY A 37 -13.62 10.56 13.24
CA GLY A 37 -14.17 10.04 14.46
C GLY A 37 -13.16 10.06 15.57
N GLN A 38 -11.88 9.78 15.23
CA GLN A 38 -10.88 9.76 16.28
C GLN A 38 -10.57 11.16 16.73
N LEU A 39 -10.57 12.08 15.76
CA LEU A 39 -10.30 13.46 16.11
C LEU A 39 -11.36 13.99 17.09
N LYS A 40 -12.62 13.62 16.85
CA LYS A 40 -13.73 14.07 17.73
C LYS A 40 -13.51 13.45 19.10
N LYS A 41 -13.12 12.18 19.09
CA LYS A 41 -12.87 11.51 20.35
C LYS A 41 -11.76 12.19 21.16
N LYS A 42 -10.71 12.63 20.48
CA LYS A 42 -9.58 13.21 21.20
C LYS A 42 -9.68 14.70 21.53
N THR A 43 -10.41 15.47 20.73
CA THR A 43 -10.44 16.91 20.99
C THR A 43 -11.82 17.47 21.27
N GLY A 44 -12.86 16.69 21.06
CA GLY A 44 -14.23 17.15 21.28
C GLY A 44 -14.72 17.91 20.05
N LYS A 45 -13.86 18.02 19.00
CA LYS A 45 -14.26 18.73 17.77
C LYS A 45 -14.59 17.80 16.59
N LEU A 46 -15.74 18.05 15.91
CA LEU A 46 -16.13 17.32 14.70
C LEU A 46 -15.92 18.27 13.54
N LEU A 47 -15.05 17.90 12.60
CA LEU A 47 -14.88 18.75 11.44
C LEU A 47 -14.56 17.91 10.19
N ASN A 48 -14.83 18.42 9.00
CA ASN A 48 -14.51 17.63 7.79
C ASN A 48 -13.00 17.58 7.50
N LEU A 49 -12.44 16.38 7.38
CA LEU A 49 -11.01 16.27 7.02
C LEU A 49 -10.89 16.11 5.49
N SER A 50 -9.69 16.31 4.88
CA SER A 50 -9.69 16.32 3.40
C SER A 50 -9.29 15.06 2.63
N PRO A 51 -10.29 14.40 1.96
CA PRO A 51 -10.02 13.23 1.15
C PRO A 51 -9.10 13.62 0.00
N GLN A 52 -9.22 14.88 -0.54
CA GLN A 52 -8.41 15.28 -1.70
C GLN A 52 -6.96 15.27 -1.31
N ASN A 53 -6.69 15.66 -0.08
CA ASN A 53 -5.31 15.65 0.42
C ASN A 53 -4.71 14.26 0.34
N LEU A 54 -5.54 13.25 0.65
CA LEU A 54 -5.09 11.88 0.54
C LEU A 54 -5.00 11.48 -0.94
N VAL A 55 -6.00 11.85 -1.75
CA VAL A 55 -5.88 11.44 -3.16
C VAL A 55 -4.63 11.96 -3.87
N ASP A 56 -4.30 13.22 -3.59
CA ASP A 56 -3.18 13.88 -4.20
C ASP A 56 -1.87 13.53 -3.55
N CYS A 57 -1.86 13.19 -2.25
CA CYS A 57 -0.54 12.99 -1.65
C CYS A 57 -0.16 11.60 -1.23
N VAL A 58 -1.10 10.65 -1.23
CA VAL A 58 -0.74 9.28 -0.79
C VAL A 58 -0.15 8.59 -2.02
N SER A 59 1.19 8.71 -2.21
CA SER A 59 1.87 8.09 -3.36
C SER A 59 1.79 6.59 -3.31
N GLU A 60 1.51 5.99 -2.14
CA GLU A 60 1.34 4.53 -2.07
C GLU A 60 0.06 4.14 -2.78
N ASN A 61 -0.84 5.07 -2.93
CA ASN A 61 -2.11 4.73 -3.56
C ASN A 61 -2.15 5.23 -4.98
N ASP A 62 -3.28 5.09 -5.63
CA ASP A 62 -3.34 5.48 -7.06
C ASP A 62 -4.31 6.61 -7.39
N GLY A 63 -4.49 7.58 -6.47
CA GLY A 63 -5.40 8.69 -6.75
C GLY A 63 -6.80 8.21 -7.05
N CYS A 64 -7.38 8.66 -8.18
CA CYS A 64 -8.70 8.27 -8.58
C CYS A 64 -8.71 6.86 -9.13
N GLY A 65 -7.52 6.23 -9.29
CA GLY A 65 -7.51 4.85 -9.74
C GLY A 65 -7.71 3.87 -8.59
N GLY A 66 -7.77 4.35 -7.35
CA GLY A 66 -8.01 3.38 -6.27
C GLY A 66 -6.92 3.40 -5.22
N GLY A 67 -7.16 2.71 -4.09
CA GLY A 67 -6.18 2.71 -3.03
C GLY A 67 -6.64 1.95 -1.80
N TYR A 68 -5.77 1.90 -0.79
CA TYR A 68 -6.09 1.21 0.47
C TYR A 68 -6.07 2.21 1.61
N MET A 69 -6.92 1.97 2.62
CA MET A 69 -6.93 2.91 3.74
C MET A 69 -5.65 2.90 4.62
N THR A 70 -5.02 1.73 4.78
CA THR A 70 -3.84 1.78 5.66
C THR A 70 -2.80 2.74 5.08
N ASN A 71 -2.66 2.73 3.74
CA ASN A 71 -1.67 3.64 3.17
C ASN A 71 -2.02 5.08 3.50
N ALA A 72 -3.32 5.36 3.57
CA ALA A 72 -3.73 6.73 3.90
C ALA A 72 -3.34 7.05 5.37
N PHE A 73 -3.58 6.10 6.31
CA PHE A 73 -3.20 6.41 7.69
C PHE A 73 -1.67 6.59 7.85
N GLN A 74 -0.91 5.75 7.13
CA GLN A 74 0.57 5.87 7.17
C GLN A 74 1.05 7.20 6.64
N TYR A 75 0.41 7.69 5.65
CA TYR A 75 0.79 8.99 5.09
C TYR A 75 0.53 10.06 6.14
N VAL A 76 -0.65 10.07 6.76
CA VAL A 76 -0.87 11.14 7.72
C VAL A 76 0.18 11.07 8.85
N GLN A 77 0.53 9.83 9.23
CA GLN A 77 1.54 9.64 10.28
C GLN A 77 2.89 10.19 9.83
N LYS A 78 3.36 9.75 8.64
CA LYS A 78 4.67 10.18 8.19
C LYS A 78 4.72 11.70 7.89
N ASN A 79 3.61 12.18 7.37
CA ASN A 79 3.47 13.59 6.96
C ASN A 79 3.30 14.54 8.13
N ARG A 80 3.01 13.99 9.31
CA ARG A 80 2.76 14.74 10.55
C ARG A 80 1.49 15.61 10.48
N GLY A 81 0.53 15.16 9.65
CA GLY A 81 -0.72 15.87 9.57
C GLY A 81 -1.56 15.60 8.32
N ILE A 82 -2.83 15.97 8.43
CA ILE A 82 -3.76 15.92 7.30
C ILE A 82 -4.56 17.24 7.40
N ASP A 83 -4.79 17.83 6.25
CA ASP A 83 -5.54 19.08 6.17
C ASP A 83 -7.01 18.93 6.38
N SER A 84 -7.65 20.00 6.84
CA SER A 84 -9.12 20.02 6.90
C SER A 84 -9.64 20.16 5.46
N GLU A 85 -10.90 19.72 5.22
CA GLU A 85 -11.50 19.89 3.90
C GLU A 85 -11.50 21.39 3.55
N ASP A 86 -11.70 22.28 4.54
CA ASP A 86 -11.74 23.72 4.16
C ASP A 86 -10.41 24.24 3.65
N ALA A 87 -9.32 23.62 4.14
CA ALA A 87 -7.99 24.02 3.67
C ALA A 87 -7.51 23.26 2.43
N TYR A 88 -8.22 22.23 2.01
CA TYR A 88 -7.80 21.40 0.86
C TYR A 88 -9.04 20.74 0.34
N PRO A 89 -9.88 21.53 -0.41
CA PRO A 89 -11.16 21.01 -0.96
C PRO A 89 -11.19 19.87 -1.94
N TYR A 90 -12.26 19.07 -1.87
CA TYR A 90 -12.41 17.97 -2.80
C TYR A 90 -12.67 18.50 -4.22
N VAL A 91 -12.03 17.92 -5.23
CA VAL A 91 -12.28 18.37 -6.60
C VAL A 91 -12.63 17.20 -7.48
N GLY A 92 -12.42 15.94 -7.01
CA GLY A 92 -12.86 14.82 -7.82
C GLY A 92 -11.91 14.34 -8.89
N GLN A 93 -10.69 14.87 -8.95
CA GLN A 93 -9.69 14.37 -9.90
C GLN A 93 -8.35 14.43 -9.21
N GLU A 94 -7.43 13.52 -9.54
CA GLU A 94 -6.13 13.56 -8.93
C GLU A 94 -5.38 14.78 -9.43
N GLU A 95 -4.70 15.43 -8.54
CA GLU A 95 -3.87 16.59 -8.80
C GLU A 95 -2.58 16.45 -7.98
N SER A 96 -1.64 17.35 -8.22
CA SER A 96 -0.40 17.37 -7.50
C SER A 96 -0.55 17.64 -6.04
N CYS A 97 0.33 17.04 -5.23
CA CYS A 97 0.17 17.26 -3.78
C CYS A 97 0.26 18.76 -3.41
N MET A 98 -0.72 19.22 -2.63
CA MET A 98 -0.69 20.65 -2.27
C MET A 98 -0.86 20.78 -0.80
N TYR A 99 -0.32 19.79 -0.09
CA TYR A 99 -0.50 19.81 1.34
C TYR A 99 0.05 21.07 2.01
N ASN A 100 -0.74 21.59 2.95
CA ASN A 100 -0.44 22.84 3.65
C ASN A 100 -0.39 22.65 5.14
N PRO A 101 0.79 22.67 5.78
CA PRO A 101 0.92 22.52 7.23
C PRO A 101 0.10 23.52 8.00
N THR A 102 -0.08 24.75 7.46
CA THR A 102 -0.90 25.72 8.18
C THR A 102 -2.36 25.25 8.30
N GLY A 103 -2.83 24.45 7.34
CA GLY A 103 -4.21 23.97 7.41
C GLY A 103 -4.38 22.65 8.18
N LYS A 104 -3.33 22.21 8.82
CA LYS A 104 -3.34 20.92 9.55
C LYS A 104 -4.45 20.85 10.59
N ALA A 105 -5.27 19.80 10.50
CA ALA A 105 -6.41 19.63 11.41
C ALA A 105 -6.37 18.32 12.25
N ALA A 106 -5.55 17.35 11.85
CA ALA A 106 -5.45 16.12 12.65
C ALA A 106 -4.09 15.45 12.43
N LYS A 107 -3.74 14.54 13.34
CA LYS A 107 -2.49 13.78 13.23
C LYS A 107 -2.85 12.35 13.43
N CYS A 108 -1.92 11.44 13.13
CA CYS A 108 -2.12 10.03 13.24
C CYS A 108 -0.82 9.42 13.82
N ARG A 109 -0.97 8.51 14.78
CA ARG A 109 0.19 7.85 15.42
C ARG A 109 0.33 6.43 14.91
N GLY A 110 -0.35 6.08 13.83
CA GLY A 110 -0.26 4.73 13.33
C GLY A 110 -1.63 4.20 13.00
N TYR A 111 -1.76 2.89 12.92
CA TYR A 111 -3.05 2.30 12.59
C TYR A 111 -3.13 0.89 13.16
N ARG A 112 -4.34 0.39 13.23
CA ARG A 112 -4.54 -0.98 13.69
C ARG A 112 -5.49 -1.66 12.74
N GLU A 113 -5.12 -2.86 12.28
CA GLU A 113 -5.95 -3.66 11.41
C GLU A 113 -6.79 -4.67 12.22
N ILE A 114 -8.02 -4.84 11.79
CA ILE A 114 -8.88 -5.82 12.36
C ILE A 114 -8.48 -7.18 11.78
N PRO A 115 -8.32 -8.23 12.60
CA PRO A 115 -7.95 -9.51 11.95
C PRO A 115 -8.99 -9.92 10.91
N GLU A 116 -8.49 -10.47 9.79
CA GLU A 116 -9.29 -10.81 8.62
C GLU A 116 -10.47 -11.73 8.91
N GLY A 117 -11.71 -11.27 8.57
CA GLY A 117 -12.90 -12.09 8.70
C GLY A 117 -13.49 -12.09 10.10
N ASN A 118 -12.85 -11.38 11.02
CA ASN A 118 -13.30 -11.40 12.41
C ASN A 118 -14.37 -10.34 12.72
N GLU A 119 -15.62 -10.69 12.51
CA GLU A 119 -16.69 -9.73 12.77
C GLU A 119 -16.81 -9.33 14.21
N LYS A 120 -16.41 -10.24 15.10
CA LYS A 120 -16.45 -9.93 16.53
C LYS A 120 -15.45 -8.84 16.88
N ALA A 121 -14.29 -8.91 16.23
CA ALA A 121 -13.30 -7.90 16.51
C ALA A 121 -13.73 -6.58 15.92
N LEU A 122 -14.36 -6.63 14.74
CA LEU A 122 -14.81 -5.36 14.12
C LEU A 122 -15.85 -4.75 15.07
N LYS A 123 -16.74 -5.62 15.61
CA LYS A 123 -17.73 -5.05 16.48
C LYS A 123 -17.10 -4.45 17.72
N ARG A 124 -16.05 -5.08 18.29
CA ARG A 124 -15.52 -4.42 19.49
C ARG A 124 -14.87 -3.06 19.14
N ALA A 125 -14.28 -3.02 17.97
CA ALA A 125 -13.64 -1.78 17.57
C ALA A 125 -14.65 -0.69 17.36
N VAL A 126 -15.77 -1.02 16.73
CA VAL A 126 -16.70 0.07 16.52
C VAL A 126 -17.18 0.56 17.89
N ALA A 127 -17.41 -0.40 18.80
CA ALA A 127 -17.90 -0.02 20.12
C ALA A 127 -16.93 0.78 20.98
N ARG A 128 -15.65 0.38 21.02
CA ARG A 128 -14.75 1.06 21.94
C ARG A 128 -13.79 2.05 21.35
N VAL A 129 -13.65 2.01 20.02
CA VAL A 129 -12.75 2.94 19.38
C VAL A 129 -13.50 4.04 18.65
N GLY A 130 -14.45 3.68 17.80
CA GLY A 130 -15.18 4.66 17.02
C GLY A 130 -15.41 4.13 15.61
N PRO A 131 -15.79 5.02 14.65
CA PRO A 131 -16.01 4.51 13.31
C PRO A 131 -14.75 3.84 12.76
N VAL A 132 -14.94 2.76 12.02
CA VAL A 132 -13.87 1.89 11.50
C VAL A 132 -13.96 1.83 9.99
N SER A 133 -12.82 2.08 9.31
CA SER A 133 -12.79 1.96 7.86
C SER A 133 -12.98 0.52 7.45
N VAL A 134 -13.84 0.26 6.48
CA VAL A 134 -14.03 -1.14 6.03
C VAL A 134 -14.13 -1.20 4.50
N ALA A 135 -13.84 -2.39 3.93
CA ALA A 135 -13.93 -2.67 2.52
C ALA A 135 -15.02 -3.73 2.31
N ILE A 136 -15.79 -3.59 1.27
CA ILE A 136 -16.85 -4.55 0.97
C ILE A 136 -16.93 -4.77 -0.52
N ASP A 137 -17.70 -5.78 -0.90
CA ASP A 137 -18.01 -6.02 -2.30
C ASP A 137 -19.27 -5.17 -2.59
N ALA A 138 -19.13 -4.12 -3.37
CA ALA A 138 -20.24 -3.23 -3.71
C ALA A 138 -20.67 -3.41 -5.15
N SER A 139 -20.25 -4.53 -5.79
CA SER A 139 -20.51 -4.72 -7.20
C SER A 139 -21.92 -5.11 -7.58
N LEU A 140 -22.71 -5.62 -6.65
CA LEU A 140 -24.06 -6.03 -7.06
C LEU A 140 -25.08 -4.92 -7.31
N THR A 141 -26.02 -5.18 -8.25
CA THR A 141 -27.04 -4.19 -8.52
C THR A 141 -27.91 -4.03 -7.28
N SER A 142 -28.09 -5.08 -6.50
CA SER A 142 -28.89 -5.01 -5.27
C SER A 142 -28.31 -4.09 -4.20
N PHE A 143 -26.98 -4.04 -4.09
CA PHE A 143 -26.40 -3.14 -3.11
C PHE A 143 -26.59 -1.72 -3.64
N GLN A 144 -26.33 -1.58 -4.93
CA GLN A 144 -26.43 -0.28 -5.58
C GLN A 144 -27.83 0.30 -5.55
N PHE A 145 -28.88 -0.54 -5.60
CA PHE A 145 -30.21 0.04 -5.50
C PHE A 145 -30.80 -0.17 -4.12
N TYR A 146 -29.93 -0.39 -3.11
CA TYR A 146 -30.45 -0.60 -1.75
C TYR A 146 -31.31 0.60 -1.30
N SER A 147 -32.39 0.35 -0.51
CA SER A 147 -33.17 1.52 -0.09
C SER A 147 -33.49 1.48 1.39
N LYS A 148 -33.76 0.31 1.90
CA LYS A 148 -34.07 0.13 3.31
C LYS A 148 -33.91 -1.31 3.70
N GLY A 149 -34.02 -1.57 5.01
CA GLY A 149 -33.90 -2.92 5.51
C GLY A 149 -32.46 -3.34 5.70
N VAL A 150 -32.27 -4.56 6.18
CA VAL A 150 -30.92 -5.07 6.40
C VAL A 150 -30.48 -5.77 5.15
N TYR A 151 -29.55 -5.13 4.43
CA TYR A 151 -29.06 -5.66 3.19
C TYR A 151 -28.31 -6.99 3.31
N TYR A 152 -28.64 -7.93 2.43
CA TYR A 152 -27.97 -9.21 2.41
C TYR A 152 -28.18 -9.87 1.06
N ASP A 153 -27.09 -10.41 0.49
CA ASP A 153 -27.15 -11.14 -0.75
C ASP A 153 -26.02 -12.18 -0.74
N GLU A 154 -26.32 -13.44 -1.12
CA GLU A 154 -25.24 -14.42 -1.08
C GLU A 154 -24.38 -14.34 -2.31
N SER A 155 -24.79 -13.51 -3.28
CA SER A 155 -24.02 -13.28 -4.46
C SER A 155 -22.88 -12.37 -4.09
N CYS A 156 -22.96 -11.75 -2.86
CA CYS A 156 -21.88 -10.88 -2.40
C CYS A 156 -20.69 -11.76 -2.32
N ASN A 157 -19.56 -11.25 -2.82
CA ASN A 157 -18.35 -12.06 -2.87
C ASN A 157 -17.35 -11.49 -1.94
N SER A 158 -17.14 -12.11 -0.77
CA SER A 158 -16.20 -11.56 0.17
C SER A 158 -14.77 -11.53 -0.36
N ASP A 159 -14.48 -12.32 -1.39
CA ASP A 159 -13.17 -12.35 -2.04
C ASP A 159 -13.06 -11.34 -3.19
N ASN A 160 -14.09 -10.50 -3.37
CA ASN A 160 -14.07 -9.48 -4.42
C ASN A 160 -14.28 -8.11 -3.78
N LEU A 161 -13.33 -7.70 -2.94
CA LEU A 161 -13.42 -6.40 -2.29
C LEU A 161 -13.10 -5.31 -3.30
N ASN A 162 -13.99 -4.36 -3.43
CA ASN A 162 -13.80 -3.33 -4.44
C ASN A 162 -14.24 -1.93 -4.00
N HIS A 163 -14.79 -1.82 -2.76
CA HIS A 163 -15.28 -0.52 -2.31
C HIS A 163 -15.01 -0.29 -0.82
N ALA A 164 -14.64 0.95 -0.47
CA ALA A 164 -14.34 1.31 0.93
C ALA A 164 -15.44 2.17 1.53
N VAL A 165 -15.86 1.85 2.74
CA VAL A 165 -16.93 2.56 3.41
C VAL A 165 -16.57 2.68 4.89
N LEU A 166 -17.51 3.16 5.67
CA LEU A 166 -17.23 3.39 7.07
C LEU A 166 -18.29 2.84 7.97
N ALA A 167 -17.90 1.96 8.88
CA ALA A 167 -18.82 1.39 9.90
C ALA A 167 -18.89 2.39 11.08
N VAL A 168 -20.05 3.05 11.23
CA VAL A 168 -20.29 4.06 12.25
C VAL A 168 -21.13 3.48 13.39
N GLY A 169 -21.50 2.22 13.29
CA GLY A 169 -22.28 1.63 14.36
C GLY A 169 -22.80 0.25 14.03
N TYR A 170 -23.64 -0.31 14.90
CA TYR A 170 -24.21 -1.60 14.54
C TYR A 170 -25.45 -1.82 15.40
N GLY A 171 -26.25 -2.78 15.05
CA GLY A 171 -27.42 -3.01 15.86
C GLY A 171 -28.34 -4.07 15.34
N ILE A 172 -29.63 -3.88 15.65
CA ILE A 172 -30.60 -4.85 15.23
C ILE A 172 -31.88 -4.16 14.89
N GLN A 173 -32.50 -4.62 13.80
CA GLN A 173 -33.74 -4.10 13.28
C GLN A 173 -34.65 -5.28 13.00
N LYS A 174 -35.75 -5.43 13.78
CA LYS A 174 -36.65 -6.53 13.56
C LYS A 174 -36.00 -7.91 13.67
N GLY A 175 -35.09 -8.06 14.63
CA GLY A 175 -34.44 -9.35 14.84
C GLY A 175 -33.32 -9.59 13.84
N ASN A 176 -32.99 -8.56 13.05
CA ASN A 176 -31.93 -8.72 12.04
C ASN A 176 -30.72 -7.95 12.39
N LYS A 177 -29.60 -8.65 12.60
CA LYS A 177 -28.39 -7.95 12.97
C LYS A 177 -27.81 -7.19 11.79
N HIS A 178 -27.24 -6.01 12.08
CA HIS A 178 -26.69 -5.18 11.02
C HIS A 178 -25.54 -4.27 11.44
N TRP A 179 -24.79 -3.82 10.43
CA TRP A 179 -23.74 -2.84 10.56
C TRP A 179 -24.34 -1.52 10.05
N ILE A 180 -24.06 -0.39 10.71
CA ILE A 180 -24.56 0.87 10.16
C ILE A 180 -23.43 1.37 9.26
N ILE A 181 -23.66 1.39 7.93
CA ILE A 181 -22.59 1.78 7.01
C ILE A 181 -22.78 3.14 6.33
N LYS A 182 -21.81 4.03 6.53
CA LYS A 182 -21.80 5.33 5.83
C LYS A 182 -21.07 5.21 4.50
N ASN A 183 -21.79 5.54 3.44
CA ASN A 183 -21.22 5.52 2.10
C ASN A 183 -20.77 6.93 1.62
N SER A 184 -20.00 6.99 0.49
CA SER A 184 -19.60 8.26 -0.07
C SER A 184 -20.17 8.41 -1.48
N TRP A 185 -21.46 7.99 -1.71
CA TRP A 185 -22.09 8.09 -3.05
C TRP A 185 -23.18 9.20 -3.07
N GLY A 186 -23.10 10.11 -2.12
CA GLY A 186 -24.08 11.21 -2.00
C GLY A 186 -25.23 10.91 -1.02
N GLU A 187 -25.96 11.95 -0.59
CA GLU A 187 -27.07 11.83 0.35
C GLU A 187 -28.28 11.15 -0.26
N ASN A 188 -28.31 11.02 -1.60
CA ASN A 188 -29.45 10.36 -2.20
C ASN A 188 -29.29 8.88 -2.38
N TRP A 189 -28.03 8.38 -2.41
CA TRP A 189 -27.85 6.95 -2.56
C TRP A 189 -28.35 6.28 -1.29
N GLY A 190 -28.88 5.08 -1.45
CA GLY A 190 -29.34 4.27 -0.33
C GLY A 190 -30.32 5.00 0.59
N ASN A 191 -30.12 4.83 1.89
CA ASN A 191 -30.97 5.49 2.89
C ASN A 191 -30.27 6.74 3.45
N LYS A 192 -30.50 7.93 2.81
CA LYS A 192 -29.84 9.18 3.12
C LYS A 192 -28.33 8.97 3.13
N GLY A 193 -27.83 8.16 2.17
CA GLY A 193 -26.38 7.90 2.04
C GLY A 193 -25.81 6.75 2.87
N TYR A 194 -26.69 6.12 3.67
CA TYR A 194 -26.36 4.98 4.52
C TYR A 194 -26.98 3.70 4.03
N ILE A 195 -26.44 2.56 4.52
CA ILE A 195 -26.96 1.23 4.22
C ILE A 195 -26.77 0.36 5.50
N LEU A 196 -27.79 -0.43 5.87
CA LEU A 196 -27.67 -1.38 6.98
C LEU A 196 -27.21 -2.66 6.32
N MET A 197 -26.08 -3.23 6.75
CA MET A 197 -25.55 -4.43 6.12
C MET A 197 -25.60 -5.57 7.11
N ALA A 198 -25.96 -6.74 6.63
CA ALA A 198 -26.14 -7.86 7.56
C ALA A 198 -24.89 -8.16 8.35
N ARG A 199 -25.08 -8.35 9.67
CA ARG A 199 -24.03 -8.61 10.63
C ARG A 199 -24.09 -10.06 11.10
N ASN A 200 -22.92 -10.69 11.25
CA ASN A 200 -22.79 -12.08 11.69
C ASN A 200 -23.42 -13.13 10.76
N LYS A 201 -23.65 -12.78 9.48
CA LYS A 201 -24.15 -13.72 8.51
C LYS A 201 -22.96 -14.15 7.65
N ASN A 202 -21.98 -14.75 8.33
CA ASN A 202 -20.75 -15.28 7.78
C ASN A 202 -19.96 -14.24 6.99
N ASN A 203 -19.70 -13.09 7.65
CA ASN A 203 -18.91 -12.03 7.00
C ASN A 203 -19.46 -11.64 5.64
N ALA A 204 -20.76 -11.33 5.57
CA ALA A 204 -21.38 -11.01 4.30
C ALA A 204 -20.75 -9.80 3.64
N CYS A 205 -20.52 -9.91 2.33
CA CYS A 205 -19.88 -8.88 1.51
C CYS A 205 -18.44 -8.61 1.95
N GLY A 206 -17.85 -9.50 2.77
CA GLY A 206 -16.47 -9.36 3.23
C GLY A 206 -16.22 -8.16 4.12
N ILE A 207 -17.24 -7.74 4.84
CA ILE A 207 -17.13 -6.54 5.66
C ILE A 207 -16.02 -6.57 6.71
N ALA A 208 -15.65 -7.73 7.22
CA ALA A 208 -14.56 -7.70 8.19
C ALA A 208 -13.25 -8.17 7.57
N ASN A 209 -13.18 -8.22 6.21
CA ASN A 209 -11.96 -8.72 5.58
C ASN A 209 -10.82 -7.71 5.41
N LEU A 210 -11.11 -6.42 5.44
CA LEU A 210 -10.03 -5.45 5.28
C LEU A 210 -10.40 -4.17 6.00
N ALA A 211 -10.53 -4.31 7.32
CA ALA A 211 -10.93 -3.27 8.21
C ALA A 211 -9.75 -2.75 9.04
N SER A 212 -9.72 -1.46 9.27
CA SER A 212 -8.65 -0.85 10.03
C SER A 212 -9.07 0.50 10.55
N PHE A 213 -8.36 1.01 11.54
CA PHE A 213 -8.64 2.32 12.06
C PHE A 213 -7.39 3.01 12.49
N PRO A 214 -7.40 4.33 12.43
CA PRO A 214 -6.26 5.12 12.82
C PRO A 214 -6.02 5.22 14.31
N LYS A 215 -4.78 5.39 14.68
CA LYS A 215 -4.41 5.60 16.09
C LYS A 215 -4.17 7.11 16.20
N MET A 216 -4.61 7.72 17.28
CA MET A 216 -4.44 9.16 17.45
C MET A 216 -4.06 9.56 18.89
N ALA B 1 26.18 17.29 -10.47
CA ALA B 1 25.86 16.26 -11.46
C ALA B 1 26.43 14.88 -11.09
N ALA B 2 25.60 13.85 -11.26
CA ALA B 2 25.94 12.45 -10.98
C ALA B 2 26.90 11.88 -12.03
N PRO B 3 27.62 10.79 -11.72
CA PRO B 3 28.56 10.15 -12.63
C PRO B 3 27.86 9.61 -13.87
N ASP B 4 28.60 9.52 -15.02
CA ASP B 4 28.02 8.97 -16.26
C ASP B 4 27.58 7.49 -16.05
N SER B 5 28.27 6.78 -15.18
CA SER B 5 27.88 5.39 -14.93
C SER B 5 28.20 4.98 -13.49
N VAL B 6 27.39 4.05 -12.96
CA VAL B 6 27.54 3.56 -11.57
C VAL B 6 27.21 2.07 -11.53
N ASP B 7 27.97 1.28 -10.75
CA ASP B 7 27.65 -0.15 -10.65
C ASP B 7 27.99 -0.58 -9.21
N TYR B 8 26.96 -0.66 -8.39
CA TYR B 8 27.19 -0.98 -6.98
C TYR B 8 27.65 -2.38 -6.76
N ARG B 9 27.54 -3.25 -7.77
CA ARG B 9 28.07 -4.58 -7.60
C ARG B 9 29.58 -4.47 -7.41
N LYS B 10 30.21 -3.41 -7.94
CA LYS B 10 31.66 -3.31 -7.76
C LYS B 10 32.04 -2.83 -6.39
N LYS B 11 31.07 -2.24 -5.69
CA LYS B 11 31.27 -1.76 -4.35
C LYS B 11 30.90 -2.83 -3.32
N GLY B 12 30.43 -4.00 -3.77
CA GLY B 12 30.09 -5.08 -2.84
C GLY B 12 28.77 -4.87 -2.11
N TYR B 13 27.87 -4.02 -2.69
CA TYR B 13 26.55 -3.73 -2.09
C TYR B 13 25.45 -4.74 -2.46
N VAL B 14 25.78 -5.72 -3.30
CA VAL B 14 24.77 -6.62 -3.83
C VAL B 14 25.04 -8.08 -3.61
N THR B 15 24.05 -8.78 -3.04
CA THR B 15 24.10 -10.21 -2.75
C THR B 15 23.85 -11.00 -4.04
N PRO B 16 24.12 -12.31 -4.05
CA PRO B 16 23.88 -13.09 -5.25
C PRO B 16 22.43 -13.10 -5.67
N VAL B 17 22.18 -13.29 -6.93
CA VAL B 17 20.85 -13.42 -7.48
C VAL B 17 20.16 -14.58 -6.81
N LYS B 18 18.88 -14.41 -6.46
CA LYS B 18 18.10 -15.43 -5.81
C LYS B 18 17.03 -15.94 -6.75
N ASN B 19 16.40 -17.05 -6.40
CA ASN B 19 15.29 -17.55 -7.22
C ASN B 19 14.03 -17.58 -6.34
N GLN B 20 13.04 -16.71 -6.64
CA GLN B 20 11.80 -16.63 -5.91
C GLN B 20 10.93 -17.87 -6.11
N GLY B 21 11.18 -18.67 -7.16
CA GLY B 21 10.33 -19.85 -7.35
C GLY B 21 8.95 -19.47 -7.86
N GLN B 22 7.88 -20.25 -7.52
CA GLN B 22 6.59 -19.87 -8.05
C GLN B 22 5.84 -18.82 -7.21
N CYS B 23 6.36 -18.51 -6.06
CA CYS B 23 5.75 -17.54 -5.14
C CYS B 23 5.73 -16.11 -5.78
N GLY B 24 4.67 -15.32 -5.55
CA GLY B 24 4.62 -13.97 -6.10
C GLY B 24 5.31 -13.05 -5.09
N SER B 25 6.58 -13.31 -4.88
CA SER B 25 7.37 -12.61 -3.87
C SER B 25 8.45 -11.70 -4.42
N CYS B 26 8.38 -11.32 -5.71
CA CYS B 26 9.41 -10.43 -6.26
C CYS B 26 9.53 -9.15 -5.42
N TRP B 27 8.39 -8.69 -4.88
CA TRP B 27 8.43 -7.46 -4.08
C TRP B 27 9.28 -7.59 -2.84
N ALA B 28 9.25 -8.79 -2.19
CA ALA B 28 10.08 -9.06 -1.06
C ALA B 28 11.53 -9.19 -1.45
N PHE B 29 11.83 -9.77 -2.66
CA PHE B 29 13.25 -9.83 -3.03
C PHE B 29 13.82 -8.44 -3.34
N SER B 30 13.00 -7.63 -4.02
CA SER B 30 13.40 -6.26 -4.34
C SER B 30 13.61 -5.45 -3.04
N SER B 31 12.66 -5.59 -2.06
CA SER B 31 12.81 -4.89 -0.77
C SER B 31 14.09 -5.29 -0.01
N VAL B 32 14.30 -6.60 0.10
CA VAL B 32 15.49 -7.10 0.81
C VAL B 32 16.78 -6.67 0.08
N GLY B 33 16.76 -6.60 -1.24
CA GLY B 33 17.98 -6.16 -1.93
C GLY B 33 18.29 -4.70 -1.64
N ALA B 34 17.24 -3.91 -1.59
CA ALA B 34 17.46 -2.50 -1.30
C ALA B 34 17.91 -2.35 0.13
N LEU B 35 17.38 -3.23 1.03
CA LEU B 35 17.83 -3.11 2.44
C LEU B 35 19.26 -3.62 2.57
N GLU B 36 19.57 -4.70 1.83
CA GLU B 36 20.96 -5.24 1.92
C GLU B 36 21.99 -4.20 1.46
N GLY B 37 21.63 -3.41 0.46
CA GLY B 37 22.56 -2.38 0.01
C GLY B 37 22.75 -1.28 1.04
N GLN B 38 21.69 -0.89 1.76
CA GLN B 38 21.90 0.19 2.72
C GLN B 38 22.66 -0.33 3.94
N LEU B 39 22.45 -1.62 4.29
CA LEU B 39 23.13 -2.22 5.39
C LEU B 39 24.62 -2.27 5.09
N LYS B 40 25.00 -2.64 3.84
CA LYS B 40 26.41 -2.70 3.50
C LYS B 40 27.02 -1.29 3.53
N LYS B 41 26.26 -0.36 3.00
CA LYS B 41 26.71 1.01 2.99
C LYS B 41 26.94 1.60 4.37
N LYS B 42 26.05 1.28 5.32
CA LYS B 42 26.17 1.88 6.65
C LYS B 42 27.05 1.11 7.61
N THR B 43 27.25 -0.22 7.39
CA THR B 43 28.04 -1.00 8.35
C THR B 43 29.26 -1.66 7.73
N GLY B 44 29.26 -1.76 6.37
CA GLY B 44 30.36 -2.39 5.67
C GLY B 44 30.17 -3.88 5.54
N LYS B 45 29.08 -4.40 6.14
CA LYS B 45 28.82 -5.81 6.05
C LYS B 45 27.70 -6.11 5.05
N LEU B 46 27.98 -7.07 4.17
CA LEU B 46 27.02 -7.51 3.21
C LEU B 46 26.45 -8.85 3.66
N LEU B 47 25.15 -8.97 3.84
CA LEU B 47 24.63 -10.30 4.17
C LEU B 47 23.24 -10.51 3.60
N ASN B 48 22.82 -11.78 3.44
CA ASN B 48 21.45 -11.97 2.91
C ASN B 48 20.37 -11.68 3.96
N LEU B 49 19.38 -10.86 3.58
CA LEU B 49 18.26 -10.57 4.48
C LEU B 49 17.11 -11.50 4.14
N SER B 50 16.07 -11.57 5.00
CA SER B 50 15.07 -12.59 4.68
C SER B 50 13.78 -12.18 3.97
N PRO B 51 13.66 -12.55 2.69
CA PRO B 51 12.42 -12.28 1.92
C PRO B 51 11.24 -13.00 2.61
N GLN B 52 11.53 -14.20 3.19
CA GLN B 52 10.44 -15.00 3.79
C GLN B 52 9.82 -14.23 4.94
N ASN B 53 10.66 -13.51 5.70
CA ASN B 53 10.14 -12.78 6.84
C ASN B 53 9.10 -11.77 6.33
N LEU B 54 9.37 -11.15 5.18
CA LEU B 54 8.45 -10.19 4.60
C LEU B 54 7.22 -10.87 4.06
N VAL B 55 7.41 -11.96 3.35
CA VAL B 55 6.25 -12.67 2.81
C VAL B 55 5.30 -13.14 3.93
N ASP B 56 5.84 -13.71 4.97
CA ASP B 56 4.98 -14.19 6.05
C ASP B 56 4.42 -13.08 6.94
N CYS B 57 5.14 -11.96 7.10
CA CYS B 57 4.67 -11.00 8.09
C CYS B 57 4.16 -9.68 7.60
N VAL B 58 4.27 -9.38 6.29
CA VAL B 58 3.80 -8.04 5.86
C VAL B 58 2.31 -8.12 5.61
N SER B 59 1.53 -7.77 6.63
CA SER B 59 0.04 -7.90 6.52
C SER B 59 -0.55 -7.00 5.48
N GLU B 60 0.13 -5.90 5.21
CA GLU B 60 -0.32 -4.98 4.13
C GLU B 60 -0.22 -5.60 2.73
N ASN B 61 0.64 -6.63 2.57
CA ASN B 61 0.79 -7.26 1.28
C ASN B 61 0.04 -8.57 1.25
N ASP B 62 0.12 -9.32 0.18
CA ASP B 62 -0.63 -10.58 0.10
C ASP B 62 0.24 -11.83 0.03
N GLY B 63 1.42 -11.79 0.70
CA GLY B 63 2.27 -12.98 0.74
C GLY B 63 2.70 -13.36 -0.66
N CYS B 64 2.53 -14.66 -1.00
CA CYS B 64 2.86 -15.20 -2.32
C CYS B 64 1.86 -14.69 -3.36
N GLY B 65 0.81 -14.02 -2.91
CA GLY B 65 -0.12 -13.44 -3.87
C GLY B 65 0.34 -12.09 -4.41
N GLY B 66 1.47 -11.56 -3.95
CA GLY B 66 1.91 -10.29 -4.48
C GLY B 66 1.94 -9.17 -3.46
N GLY B 67 2.59 -8.05 -3.81
CA GLY B 67 2.72 -6.95 -2.86
C GLY B 67 3.54 -5.79 -3.36
N TYR B 68 3.80 -4.81 -2.46
CA TYR B 68 4.59 -3.64 -2.83
C TYR B 68 5.75 -3.48 -1.91
N MET B 69 6.86 -2.89 -2.41
CA MET B 69 8.03 -2.73 -1.58
C MET B 69 7.85 -1.69 -0.46
N THR B 70 7.11 -0.64 -0.71
CA THR B 70 6.98 0.36 0.35
C THR B 70 6.29 -0.28 1.56
N ASN B 71 5.33 -1.16 1.31
CA ASN B 71 4.69 -1.80 2.49
C ASN B 71 5.70 -2.64 3.27
N ALA B 72 6.67 -3.20 2.54
CA ALA B 72 7.69 -4.00 3.24
C ALA B 72 8.60 -3.12 4.08
N PHE B 73 9.02 -1.93 3.56
CA PHE B 73 9.89 -1.05 4.29
C PHE B 73 9.13 -0.55 5.54
N GLN B 74 7.85 -0.25 5.35
CA GLN B 74 7.03 0.24 6.47
C GLN B 74 6.90 -0.85 7.59
N TYR B 75 6.80 -2.10 7.16
CA TYR B 75 6.75 -3.23 8.17
C TYR B 75 8.08 -3.32 8.93
N VAL B 76 9.22 -3.24 8.22
CA VAL B 76 10.54 -3.39 8.93
C VAL B 76 10.67 -2.25 9.96
N GLN B 77 10.30 -1.03 9.52
CA GLN B 77 10.31 0.10 10.41
C GLN B 77 9.37 -0.13 11.62
N LYS B 78 8.13 -0.50 11.36
CA LYS B 78 7.17 -0.65 12.47
C LYS B 78 7.53 -1.82 13.37
N ASN B 79 8.06 -2.89 12.77
CA ASN B 79 8.48 -4.12 13.42
C ASN B 79 9.76 -3.96 14.21
N ARG B 80 10.47 -2.88 13.93
CA ARG B 80 11.78 -2.59 14.51
C ARG B 80 12.80 -3.66 14.11
N GLY B 81 12.67 -4.21 12.88
CA GLY B 81 13.70 -5.14 12.44
C GLY B 81 13.28 -6.13 11.38
N ILE B 82 14.29 -6.70 10.68
CA ILE B 82 14.04 -7.77 9.68
C ILE B 82 15.13 -8.78 9.94
N ASP B 83 14.77 -10.04 9.86
CA ASP B 83 15.71 -11.16 10.05
C ASP B 83 16.65 -11.37 8.90
N SER B 84 17.80 -11.97 9.21
CA SER B 84 18.73 -12.40 8.17
C SER B 84 18.10 -13.63 7.50
N GLU B 85 18.52 -13.93 6.25
CA GLU B 85 18.05 -15.11 5.52
C GLU B 85 18.39 -16.31 6.38
N ASP B 86 19.56 -16.27 7.06
CA ASP B 86 19.88 -17.40 7.89
C ASP B 86 18.94 -17.62 9.07
N ALA B 87 18.45 -16.55 9.72
CA ALA B 87 17.54 -16.81 10.84
C ALA B 87 16.11 -17.07 10.38
N TYR B 88 15.81 -16.84 9.08
CA TYR B 88 14.45 -17.00 8.56
C TYR B 88 14.56 -17.30 7.07
N PRO B 89 14.87 -18.58 6.73
CA PRO B 89 15.05 -19.04 5.35
C PRO B 89 13.88 -19.03 4.42
N TYR B 90 14.21 -18.86 3.16
CA TYR B 90 13.20 -18.79 2.13
C TYR B 90 12.68 -20.18 1.85
N VAL B 91 11.35 -20.36 1.82
CA VAL B 91 10.77 -21.69 1.57
C VAL B 91 9.90 -21.65 0.33
N GLY B 92 9.57 -20.44 -0.12
CA GLY B 92 8.82 -20.33 -1.36
C GLY B 92 7.31 -20.52 -1.24
N GLN B 93 6.81 -20.47 -0.04
CA GLN B 93 5.39 -20.55 0.17
C GLN B 93 5.01 -19.83 1.44
N GLU B 94 3.77 -19.38 1.48
CA GLU B 94 3.26 -18.65 2.61
C GLU B 94 3.21 -19.53 3.82
N GLU B 95 3.65 -18.97 4.94
CA GLU B 95 3.62 -19.69 6.19
C GLU B 95 3.26 -18.72 7.27
N SER B 96 3.07 -19.22 8.51
CA SER B 96 2.77 -18.35 9.64
C SER B 96 3.89 -17.38 9.96
N CYS B 97 3.58 -16.19 10.51
CA CYS B 97 4.70 -15.26 10.82
C CYS B 97 5.56 -15.83 11.93
N MET B 98 6.86 -15.99 11.65
CA MET B 98 7.73 -16.56 12.68
C MET B 98 8.98 -15.70 12.84
N TYR B 99 8.74 -14.38 12.78
CA TYR B 99 9.83 -13.45 12.96
C TYR B 99 10.54 -13.69 14.29
N ASN B 100 11.88 -13.67 14.24
CA ASN B 100 12.68 -13.91 15.43
C ASN B 100 13.51 -12.67 15.70
N PRO B 101 13.18 -11.89 16.73
CA PRO B 101 13.95 -10.68 17.04
C PRO B 101 15.41 -10.93 17.27
N THR B 102 15.73 -12.13 17.82
CA THR B 102 17.11 -12.46 18.07
C THR B 102 17.90 -12.54 16.75
N GLY B 103 17.23 -12.91 15.67
CA GLY B 103 17.92 -12.97 14.40
C GLY B 103 17.88 -11.66 13.64
N LYS B 104 17.40 -10.52 14.25
CA LYS B 104 17.33 -9.31 13.43
C LYS B 104 18.73 -8.86 12.95
N ALA B 105 18.79 -8.40 11.71
CA ALA B 105 20.12 -8.05 11.14
C ALA B 105 20.09 -6.68 10.45
N ALA B 106 18.90 -6.09 10.34
CA ALA B 106 18.80 -4.75 9.78
C ALA B 106 17.55 -4.07 10.29
N LYS B 107 17.52 -2.75 10.19
CA LYS B 107 16.36 -1.98 10.64
C LYS B 107 16.03 -0.94 9.56
N CYS B 108 14.92 -0.21 9.67
CA CYS B 108 14.55 0.75 8.65
C CYS B 108 13.90 1.96 9.35
N ARG B 109 14.28 3.15 8.94
CA ARG B 109 13.72 4.37 9.50
C ARG B 109 12.71 4.96 8.56
N GLY B 110 12.15 4.15 7.68
CA GLY B 110 11.25 4.71 6.71
C GLY B 110 11.80 4.49 5.31
N TYR B 111 11.29 5.25 4.37
CA TYR B 111 11.70 5.13 2.97
C TYR B 111 11.55 6.46 2.27
N ARG B 112 12.19 6.61 1.13
CA ARG B 112 12.12 7.78 0.28
C ARG B 112 11.66 7.29 -1.06
N GLU B 113 10.75 8.04 -1.67
CA GLU B 113 10.26 7.71 -3.00
C GLU B 113 10.94 8.57 -4.06
N ILE B 114 11.16 7.98 -5.22
CA ILE B 114 11.72 8.74 -6.34
C ILE B 114 10.58 9.48 -6.99
N PRO B 115 10.71 10.75 -7.43
CA PRO B 115 9.49 11.30 -8.06
C PRO B 115 9.07 10.48 -9.27
N GLU B 116 7.75 10.33 -9.43
CA GLU B 116 7.21 9.45 -10.45
C GLU B 116 7.62 9.81 -11.86
N GLY B 117 8.04 8.78 -12.60
CA GLY B 117 8.34 8.96 -14.01
C GLY B 117 9.65 9.68 -14.32
N ASN B 118 10.32 10.15 -13.29
CA ASN B 118 11.53 10.90 -13.48
C ASN B 118 12.78 10.02 -13.49
N GLU B 119 13.22 9.61 -14.68
CA GLU B 119 14.45 8.80 -14.77
C GLU B 119 15.68 9.59 -14.36
N LYS B 120 15.61 10.93 -14.45
CA LYS B 120 16.73 11.74 -13.97
C LYS B 120 16.91 11.66 -12.45
N ALA B 121 15.81 11.72 -11.74
CA ALA B 121 15.83 11.64 -10.29
C ALA B 121 16.24 10.25 -9.87
N LEU B 122 15.80 9.24 -10.62
CA LEU B 122 16.19 7.87 -10.26
C LEU B 122 17.69 7.69 -10.43
N LYS B 123 18.27 8.27 -11.49
CA LYS B 123 19.70 8.13 -11.73
C LYS B 123 20.44 8.81 -10.59
N ARG B 124 19.97 10.01 -10.18
CA ARG B 124 20.65 10.68 -9.08
C ARG B 124 20.50 9.95 -7.78
N ALA B 125 19.32 9.30 -7.58
CA ALA B 125 19.14 8.54 -6.34
C ALA B 125 20.10 7.34 -6.27
N VAL B 126 20.20 6.58 -7.38
CA VAL B 126 21.07 5.40 -7.41
C VAL B 126 22.52 5.81 -7.14
N ALA B 127 22.96 6.89 -7.76
CA ALA B 127 24.33 7.32 -7.56
C ALA B 127 24.61 7.75 -6.13
N ARG B 128 23.63 8.43 -5.52
CA ARG B 128 23.80 8.96 -4.16
C ARG B 128 23.59 7.92 -3.06
N VAL B 129 22.67 7.00 -3.31
CA VAL B 129 22.28 6.08 -2.26
C VAL B 129 22.73 4.66 -2.36
N GLY B 130 22.72 4.10 -3.57
CA GLY B 130 22.98 2.67 -3.72
C GLY B 130 21.79 2.10 -4.48
N PRO B 131 21.61 0.78 -4.45
CA PRO B 131 20.51 0.07 -5.12
C PRO B 131 19.19 0.58 -4.68
N VAL B 132 18.26 0.68 -5.66
CA VAL B 132 16.93 1.23 -5.41
C VAL B 132 15.90 0.25 -5.88
N SER B 133 14.87 0.01 -5.07
CA SER B 133 13.81 -0.86 -5.49
C SER B 133 13.02 -0.21 -6.62
N VAL B 134 12.71 -0.92 -7.66
CA VAL B 134 11.88 -0.39 -8.72
C VAL B 134 10.83 -1.40 -9.24
N ALA B 135 9.77 -0.93 -9.80
CA ALA B 135 8.78 -1.84 -10.36
C ALA B 135 8.77 -1.68 -11.90
N ILE B 136 8.50 -2.74 -12.61
CA ILE B 136 8.47 -2.68 -14.05
C ILE B 136 7.40 -3.52 -14.67
N ASP B 137 7.20 -3.27 -15.97
CA ASP B 137 6.33 -4.14 -16.75
C ASP B 137 7.23 -5.25 -17.30
N ALA B 138 7.21 -6.44 -16.67
CA ALA B 138 7.98 -7.61 -17.02
C ALA B 138 7.14 -8.66 -17.77
N SER B 139 5.91 -8.30 -18.10
CA SER B 139 5.01 -9.23 -18.77
C SER B 139 5.37 -9.65 -20.19
N LEU B 140 6.11 -8.82 -20.94
CA LEU B 140 6.38 -9.16 -22.34
C LEU B 140 7.21 -10.45 -22.48
N THR B 141 6.91 -11.22 -23.53
CA THR B 141 7.64 -12.45 -23.79
C THR B 141 9.10 -12.12 -24.06
N SER B 142 9.37 -10.94 -24.66
CA SER B 142 10.76 -10.58 -24.93
C SER B 142 11.54 -10.42 -23.64
N PHE B 143 10.86 -9.92 -22.59
CA PHE B 143 11.47 -9.76 -21.28
C PHE B 143 11.73 -11.12 -20.68
N GLN B 144 10.71 -12.00 -20.71
CA GLN B 144 10.89 -13.30 -20.09
C GLN B 144 11.96 -14.09 -20.77
N PHE B 145 12.19 -13.81 -22.07
CA PHE B 145 13.20 -14.58 -22.74
C PHE B 145 14.42 -13.78 -22.99
N TYR B 146 14.61 -12.70 -22.22
CA TYR B 146 15.79 -11.88 -22.40
C TYR B 146 17.08 -12.68 -22.18
N SER B 147 18.13 -12.35 -22.93
CA SER B 147 19.41 -13.06 -22.80
C SER B 147 20.57 -12.10 -22.46
N LYS B 148 20.64 -11.02 -23.23
CA LYS B 148 21.69 -10.00 -23.13
C LYS B 148 21.37 -8.75 -23.92
N GLY B 149 22.21 -7.70 -23.79
CA GLY B 149 22.02 -6.48 -24.56
C GLY B 149 21.15 -5.47 -23.83
N VAL B 150 21.02 -4.27 -24.38
CA VAL B 150 20.16 -3.32 -23.69
C VAL B 150 18.77 -3.68 -24.12
N TYR B 151 17.91 -4.00 -23.14
CA TYR B 151 16.55 -4.40 -23.45
C TYR B 151 15.64 -3.21 -23.68
N TYR B 152 14.91 -3.23 -24.81
CA TYR B 152 13.94 -2.21 -25.10
C TYR B 152 12.91 -2.85 -26.00
N ASP B 153 11.67 -2.50 -25.77
CA ASP B 153 10.55 -3.02 -26.59
C ASP B 153 9.48 -1.97 -26.55
N GLU B 154 9.07 -1.47 -27.74
CA GLU B 154 8.12 -0.38 -27.78
C GLU B 154 6.79 -0.72 -27.20
N SER B 155 6.44 -1.99 -27.15
CA SER B 155 5.13 -2.29 -26.57
C SER B 155 5.14 -2.41 -25.06
N CYS B 156 6.32 -2.27 -24.41
CA CYS B 156 6.37 -2.37 -22.95
C CYS B 156 5.39 -1.35 -22.43
N ASN B 157 4.63 -1.72 -21.38
CA ASN B 157 3.62 -0.79 -20.91
C ASN B 157 3.90 -0.17 -19.57
N SER B 158 4.12 1.15 -19.58
CA SER B 158 4.44 1.91 -18.39
C SER B 158 3.38 1.95 -17.33
N ASP B 159 2.11 1.82 -17.70
CA ASP B 159 1.12 1.84 -16.63
C ASP B 159 0.85 0.45 -16.06
N ASN B 160 1.40 -0.59 -16.69
CA ASN B 160 1.18 -1.95 -16.19
C ASN B 160 2.33 -2.52 -15.38
N LEU B 161 2.64 -1.88 -14.27
CA LEU B 161 3.67 -2.43 -13.40
C LEU B 161 3.18 -3.72 -12.75
N ASN B 162 3.93 -4.78 -12.94
CA ASN B 162 3.59 -6.09 -12.38
C ASN B 162 4.75 -6.86 -11.81
N HIS B 163 5.95 -6.26 -11.77
CA HIS B 163 7.06 -7.06 -11.28
C HIS B 163 8.02 -6.16 -10.52
N ALA B 164 8.68 -6.68 -9.48
CA ALA B 164 9.60 -5.83 -8.73
C ALA B 164 11.01 -6.30 -8.91
N VAL B 165 11.96 -5.34 -9.07
CA VAL B 165 13.35 -5.71 -9.27
C VAL B 165 14.19 -4.70 -8.57
N LEU B 166 15.50 -4.74 -8.79
CA LEU B 166 16.40 -3.87 -8.06
C LEU B 166 17.35 -3.16 -8.99
N ALA B 167 17.37 -1.79 -8.97
CA ALA B 167 18.33 -1.09 -9.85
C ALA B 167 19.61 -0.94 -9.05
N VAL B 168 20.70 -1.63 -9.47
CA VAL B 168 21.95 -1.58 -8.74
C VAL B 168 22.92 -0.60 -9.43
N GLY B 169 22.48 0.00 -10.53
CA GLY B 169 23.37 0.89 -11.25
C GLY B 169 22.85 1.33 -12.61
N TYR B 170 23.70 1.94 -13.39
CA TYR B 170 23.28 2.39 -14.71
C TYR B 170 24.55 2.71 -15.52
N GLY B 171 24.38 2.81 -16.83
CA GLY B 171 25.55 3.12 -17.65
C GLY B 171 25.17 3.23 -19.11
N ILE B 172 26.10 2.82 -19.96
CA ILE B 172 25.79 2.88 -21.37
C ILE B 172 26.47 1.72 -22.05
N GLN B 173 25.85 1.16 -23.08
CA GLN B 173 26.48 0.03 -23.77
C GLN B 173 26.13 0.13 -25.23
N LYS B 174 27.18 0.09 -26.08
CA LYS B 174 27.00 0.20 -27.53
C LYS B 174 26.17 1.43 -27.86
N GLY B 175 26.35 2.49 -27.08
CA GLY B 175 25.68 3.75 -27.31
C GLY B 175 24.30 3.83 -26.70
N ASN B 176 23.83 2.77 -26.02
CA ASN B 176 22.48 2.87 -25.47
C ASN B 176 22.51 2.95 -23.98
N LYS B 177 21.98 4.02 -23.43
CA LYS B 177 22.00 4.18 -21.97
C LYS B 177 21.14 3.11 -21.34
N HIS B 178 21.54 2.63 -20.14
CA HIS B 178 20.83 1.56 -19.48
C HIS B 178 20.78 1.66 -17.97
N TRP B 179 19.90 0.85 -17.38
CA TRP B 179 19.73 0.64 -15.95
C TRP B 179 20.27 -0.76 -15.73
N ILE B 180 21.07 -0.97 -14.66
CA ILE B 180 21.54 -2.33 -14.40
C ILE B 180 20.53 -2.91 -13.41
N ILE B 181 19.87 -4.01 -13.80
CA ILE B 181 18.78 -4.61 -13.00
C ILE B 181 19.01 -6.02 -12.57
N LYS B 182 18.96 -6.24 -11.24
CA LYS B 182 19.05 -7.54 -10.62
C LYS B 182 17.64 -8.08 -10.52
N ASN B 183 17.43 -9.26 -11.09
CA ASN B 183 16.15 -9.95 -11.06
C ASN B 183 16.15 -10.97 -9.95
N SER B 184 15.00 -11.54 -9.61
CA SER B 184 14.92 -12.56 -8.58
C SER B 184 14.39 -13.87 -9.22
N TRP B 185 14.80 -14.16 -10.46
CA TRP B 185 14.40 -15.39 -11.17
C TRP B 185 15.52 -16.42 -11.33
N GLY B 186 16.56 -16.32 -10.54
CA GLY B 186 17.63 -17.30 -10.62
C GLY B 186 18.71 -16.85 -11.58
N GLU B 187 19.85 -17.46 -11.46
CA GLU B 187 20.98 -17.05 -12.28
C GLU B 187 20.92 -17.52 -13.73
N ASN B 188 20.08 -18.51 -14.01
CA ASN B 188 19.96 -18.95 -15.41
C ASN B 188 19.15 -17.96 -16.21
N TRP B 189 18.25 -17.22 -15.54
CA TRP B 189 17.49 -16.24 -16.29
C TRP B 189 18.33 -15.06 -16.77
N GLY B 190 18.06 -14.58 -17.98
CA GLY B 190 18.73 -13.39 -18.49
C GLY B 190 20.24 -13.51 -18.56
N ASN B 191 20.97 -12.45 -18.15
CA ASN B 191 22.41 -12.49 -18.15
C ASN B 191 22.88 -12.72 -16.71
N LYS B 192 23.06 -13.99 -16.31
CA LYS B 192 23.45 -14.39 -14.96
C LYS B 192 22.47 -13.79 -13.92
N GLY B 193 21.20 -13.74 -14.30
CA GLY B 193 20.15 -13.24 -13.43
C GLY B 193 19.88 -11.76 -13.54
N TYR B 194 20.67 -11.06 -14.37
CA TYR B 194 20.55 -9.63 -14.55
C TYR B 194 20.03 -9.24 -15.89
N ILE B 195 19.55 -7.99 -15.98
CA ILE B 195 19.13 -7.47 -17.26
C ILE B 195 19.49 -5.98 -17.33
N LEU B 196 19.89 -5.54 -18.54
CA LEU B 196 20.15 -4.14 -18.79
C LEU B 196 18.91 -3.64 -19.42
N MET B 197 18.28 -2.63 -18.83
CA MET B 197 17.05 -2.11 -19.38
C MET B 197 17.26 -0.69 -19.84
N ALA B 198 16.65 -0.34 -20.97
CA ALA B 198 16.84 0.98 -21.58
C ALA B 198 16.55 2.16 -20.64
N ARG B 199 17.45 3.15 -20.69
CA ARG B 199 17.35 4.30 -19.83
C ARG B 199 17.17 5.56 -20.66
N ASN B 200 16.35 6.48 -20.14
CA ASN B 200 16.04 7.76 -20.80
C ASN B 200 15.35 7.55 -22.18
N LYS B 201 14.62 6.45 -22.34
CA LYS B 201 13.86 6.13 -23.53
C LYS B 201 12.41 6.29 -23.13
N ASN B 202 12.11 7.45 -22.59
CA ASN B 202 10.79 7.82 -22.09
C ASN B 202 10.24 6.88 -21.03
N ASN B 203 11.03 6.56 -20.00
CA ASN B 203 10.57 5.71 -18.91
C ASN B 203 10.11 4.37 -19.40
N ALA B 204 10.94 3.71 -20.25
CA ALA B 204 10.55 2.42 -20.81
C ALA B 204 10.26 1.43 -19.69
N CYS B 205 9.15 0.65 -19.88
CA CYS B 205 8.67 -0.36 -18.98
C CYS B 205 8.25 0.22 -17.60
N GLY B 206 8.19 1.56 -17.47
CA GLY B 206 7.75 2.17 -16.25
C GLY B 206 8.76 2.11 -15.13
N ILE B 207 10.02 1.91 -15.46
CA ILE B 207 11.12 1.82 -14.52
C ILE B 207 11.17 2.94 -13.49
N ALA B 208 10.71 4.12 -13.80
CA ALA B 208 10.77 5.16 -12.78
C ALA B 208 9.42 5.50 -12.14
N ASN B 209 8.40 4.68 -12.39
CA ASN B 209 7.09 4.99 -11.88
C ASN B 209 6.89 4.66 -10.40
N LEU B 210 7.64 3.68 -9.86
CA LEU B 210 7.43 3.28 -8.46
C LEU B 210 8.76 2.83 -7.81
N ALA B 211 9.68 3.76 -7.76
CA ALA B 211 11.00 3.50 -7.24
C ALA B 211 11.08 4.05 -5.81
N SER B 212 11.69 3.28 -4.91
CA SER B 212 11.85 3.71 -3.50
C SER B 212 13.08 3.05 -2.88
N PHE B 213 13.59 3.60 -1.79
CA PHE B 213 14.66 2.95 -1.09
C PHE B 213 14.50 3.22 0.42
N PRO B 214 14.90 2.26 1.22
CA PRO B 214 14.81 2.38 2.68
C PRO B 214 15.77 3.37 3.30
N LYS B 215 15.34 4.05 4.34
CA LYS B 215 16.19 4.95 5.10
C LYS B 215 16.78 4.13 6.26
N MET B 216 18.08 4.30 6.61
CA MET B 216 18.70 3.60 7.73
C MET B 216 19.45 4.54 8.67
#